data_6OCC
#
_entry.id   6OCC
#
_cell.length_a   44.660
_cell.length_b   57.595
_cell.length_c   61.662
_cell.angle_alpha   90.00
_cell.angle_beta   111.11
_cell.angle_gamma   90.00
#
_symmetry.space_group_name_H-M   'P 1 21 1'
#
loop_
_entity.id
_entity.type
_entity.pdbx_description
1 polymer 'Tyrosine-protein kinase JAK2'
2 non-polymer GLYCEROL
3 non-polymer '2-[4-({5-amino-3-[(4-sulfamoylphenyl)amino]-1H-1,2,4-triazole-1-carbonyl}amino)phenyl]-1,3-oxazole-4-carboxylic acid'
4 water water
#
_entity_poly.entity_id   1
_entity_poly.type   'polypeptide(L)'
_entity_poly.pdbx_seq_one_letter_code
;VFHKIRNEDLIFNESLGQGTFTKIFKGVRREVGDYGQLHETEVLLKVLDKAHRNYSESFFEAASMMSKLSHKHLVLNYGV
CVCGDENILVQEFVKFGSLDTYLKKNKNCINILWKLEVAKQLAAAMHFLEENTLIHGNVCAKNILLIREEDRKTGNPPFI
KLSDPGISITVLPKDILQERIPWVPPECIENPKNLNLATDKWSFGTTLWEICSGGDKPLSALDSQRKLQFYEDRHQLPAP
KAAELANLINNCMDYEPDHRPSFRAIIRDLNSLFTPDLVPRGSHHHHHH
;
_entity_poly.pdbx_strand_id   A
#
loop_
_chem_comp.id
_chem_comp.type
_chem_comp.name
_chem_comp.formula
GOL non-polymer GLYCEROL 'C3 H8 O3'
M57 non-polymer '2-[4-({5-amino-3-[(4-sulfamoylphenyl)amino]-1H-1,2,4-triazole-1-carbonyl}amino)phenyl]-1,3-oxazole-4-carboxylic acid' 'C19 H16 N8 O6 S'
#
# COMPACT_ATOMS: atom_id res chain seq x y z
N PHE A 2 9.49 17.19 7.31
CA PHE A 2 9.70 16.06 8.21
C PHE A 2 10.69 16.44 9.33
N HIS A 3 10.44 15.89 10.52
CA HIS A 3 11.39 15.99 11.62
C HIS A 3 12.71 15.29 11.30
N LYS A 4 13.82 15.94 11.61
CA LYS A 4 15.14 15.44 11.25
C LYS A 4 15.73 14.60 12.39
N ILE A 5 16.18 13.39 12.05
CA ILE A 5 16.72 12.44 13.01
C ILE A 5 18.19 12.23 12.72
N ARG A 6 19.00 12.11 13.78
CA ARG A 6 20.45 12.01 13.65
C ARG A 6 20.88 10.57 13.41
N ASN A 7 21.86 10.38 12.50
CA ASN A 7 22.38 9.04 12.26
C ASN A 7 22.85 8.39 13.55
N GLU A 8 23.40 9.18 14.49
CA GLU A 8 23.91 8.65 15.74
C GLU A 8 22.83 8.03 16.61
N ASP A 9 21.56 8.36 16.39
CA ASP A 9 20.45 7.85 17.18
C ASP A 9 19.74 6.65 16.54
N LEU A 10 20.23 6.16 15.41
CA LEU A 10 19.62 5.04 14.69
C LEU A 10 20.59 3.87 14.64
N ILE A 11 20.11 2.68 14.98
CA ILE A 11 20.86 1.44 14.88
C ILE A 11 20.17 0.55 13.86
N PHE A 12 20.90 0.14 12.83
CA PHE A 12 20.36 -0.75 11.80
C PHE A 12 20.47 -2.19 12.27
N ASN A 13 19.34 -2.90 12.21
CA ASN A 13 19.34 -4.35 12.43
C ASN A 13 18.91 -5.10 11.16
N GLU A 14 18.08 -6.13 11.27
CA GLU A 14 17.97 -7.08 10.15
C GLU A 14 17.28 -6.48 8.91
N SER A 15 17.74 -6.93 7.75
CA SER A 15 17.07 -6.62 6.50
C SER A 15 15.69 -7.27 6.48
N LEU A 16 14.68 -6.52 6.06
CA LEU A 16 13.35 -7.08 5.89
C LEU A 16 12.91 -7.09 4.44
N GLY A 17 13.82 -6.92 3.51
CA GLY A 17 13.49 -6.98 2.11
C GLY A 17 13.85 -5.70 1.40
N GLN A 18 13.30 -5.57 0.19
CA GLN A 18 13.54 -4.43 -0.68
C GLN A 18 12.22 -3.96 -1.27
N GLY A 19 12.21 -2.72 -1.72
CA GLY A 19 11.12 -2.22 -2.52
C GLY A 19 11.66 -1.61 -3.80
N THR A 20 10.90 -0.73 -4.41
CA THR A 20 11.35 -0.14 -5.68
C THR A 20 12.45 0.88 -5.37
N PHE A 21 13.69 0.47 -5.63
CA PHE A 21 14.89 1.27 -5.36
C PHE A 21 15.04 1.60 -3.87
N THR A 22 14.59 0.71 -2.99
CA THR A 22 14.75 0.88 -1.55
C THR A 22 15.10 -0.45 -0.92
N LYS A 23 15.83 -0.38 0.20
CA LYS A 23 16.10 -1.54 1.05
C LYS A 23 15.45 -1.29 2.41
N ILE A 24 14.92 -2.35 3.01
CA ILE A 24 14.10 -2.23 4.21
C ILE A 24 14.84 -2.92 5.36
N PHE A 25 14.91 -2.24 6.49
CA PHE A 25 15.58 -2.73 7.70
C PHE A 25 14.74 -2.42 8.93
N LYS A 26 14.65 -3.40 9.82
CA LYS A 26 14.25 -3.13 11.18
C LYS A 26 15.38 -2.41 11.90
N GLY A 27 15.00 -1.49 12.81
CA GLY A 27 15.99 -0.72 13.52
C GLY A 27 15.48 -0.25 14.87
N VAL A 28 16.31 0.56 15.54
CA VAL A 28 15.99 1.11 16.85
C VAL A 28 16.40 2.58 16.86
N ARG A 29 15.48 3.44 17.28
CA ARG A 29 15.73 4.87 17.43
C ARG A 29 15.77 5.19 18.92
N ARG A 30 16.88 5.77 19.37
CA ARG A 30 16.98 6.37 20.69
C ARG A 30 16.45 7.80 20.65
N GLU A 31 15.53 8.13 21.54
CA GLU A 31 14.83 9.41 21.46
C GLU A 31 14.42 9.89 22.85
N VAL A 32 14.21 11.19 22.97
CA VAL A 32 13.54 11.76 24.13
C VAL A 32 12.05 11.88 23.81
N GLY A 33 11.21 11.19 24.59
CA GLY A 33 9.78 11.20 24.39
C GLY A 33 9.03 12.14 25.33
N ASP A 34 7.75 11.85 25.53
CA ASP A 34 6.91 12.69 26.38
C ASP A 34 7.47 12.72 27.80
N TYR A 35 7.26 13.84 28.48
CA TYR A 35 7.75 14.07 29.84
C TYR A 35 9.27 13.96 29.93
N GLY A 36 9.97 14.02 28.81
CA GLY A 36 11.42 13.89 28.78
C GLY A 36 11.97 12.51 29.08
N GLN A 37 11.14 11.47 29.02
CA GLN A 37 11.65 10.11 29.22
C GLN A 37 12.47 9.64 28.01
N LEU A 38 13.57 8.95 28.28
CA LEU A 38 14.39 8.37 27.22
C LEU A 38 13.78 7.04 26.77
N HIS A 39 13.70 6.85 25.45
CA HIS A 39 13.12 5.66 24.85
C HIS A 39 14.06 5.07 23.81
N GLU A 40 13.99 3.75 23.66
CA GLU A 40 14.61 3.03 22.55
C GLU A 40 13.47 2.36 21.80
N THR A 41 13.11 2.91 20.64
CA THR A 41 11.86 2.56 19.96
C THR A 41 12.14 1.76 18.70
N GLU A 42 11.44 0.62 18.54
CA GLU A 42 11.48 -0.09 17.28
C GLU A 42 11.01 0.82 16.16
N VAL A 43 11.75 0.80 15.04
CA VAL A 43 11.38 1.61 13.88
C VAL A 43 11.62 0.80 12.61
N LEU A 44 10.89 1.18 11.57
CA LEU A 44 11.11 0.68 10.22
C LEU A 44 11.91 1.73 9.46
N LEU A 45 13.05 1.31 8.91
CA LEU A 45 13.92 2.20 8.15
C LEU A 45 13.82 1.84 6.68
N LYS A 46 13.50 2.84 5.86
CA LYS A 46 13.43 2.69 4.41
C LYS A 46 14.54 3.54 3.80
N VAL A 47 15.46 2.89 3.08
CA VAL A 47 16.72 3.47 2.62
C VAL A 47 16.72 3.59 1.10
N LEU A 48 16.87 4.81 0.59
CA LEU A 48 17.01 5.02 -0.85
C LEU A 48 18.43 4.64 -1.28
N ASP A 49 18.54 3.64 -2.17
CA ASP A 49 19.81 3.06 -2.57
C ASP A 49 20.68 4.06 -3.32
N ASN A 54 19.07 9.85 -6.54
CA ASN A 54 18.50 10.68 -7.60
C ASN A 54 16.97 10.76 -7.50
N TYR A 55 16.33 9.61 -7.29
CA TYR A 55 14.89 9.50 -7.07
C TYR A 55 14.47 9.93 -5.66
N SER A 56 15.40 10.43 -4.85
CA SER A 56 15.08 10.67 -3.45
C SER A 56 13.97 11.70 -3.31
N GLU A 57 14.00 12.73 -4.17
CA GLU A 57 12.98 13.77 -4.09
C GLU A 57 11.58 13.19 -4.18
N SER A 58 11.35 12.26 -5.11
CA SER A 58 10.00 11.73 -5.29
C SER A 58 9.57 10.90 -4.09
N PHE A 59 10.46 10.05 -3.56
CA PHE A 59 10.05 9.20 -2.44
C PHE A 59 9.66 10.04 -1.22
N PHE A 60 10.43 11.08 -0.92
CA PHE A 60 10.16 11.82 0.30
C PHE A 60 9.02 12.81 0.15
N GLU A 61 8.82 13.38 -1.05
CA GLU A 61 7.68 14.26 -1.26
C GLU A 61 6.36 13.52 -1.05
N ALA A 62 6.27 12.29 -1.54
CA ALA A 62 5.04 11.53 -1.44
C ALA A 62 4.74 11.17 0.01
N ALA A 63 5.73 10.59 0.72
CA ALA A 63 5.56 10.29 2.13
C ALA A 63 5.20 11.54 2.92
N SER A 64 5.82 12.66 2.58
CA SER A 64 5.56 13.92 3.28
C SER A 64 4.11 14.36 3.11
N MET A 65 3.66 14.48 1.86
CA MET A 65 2.31 15.00 1.62
C MET A 65 1.25 14.13 2.30
N MET A 66 1.49 12.82 2.43
CA MET A 66 0.51 12.00 3.14
C MET A 66 0.62 12.18 4.65
N SER A 67 1.83 12.38 5.17
CA SER A 67 1.99 12.61 6.60
C SER A 67 1.45 13.97 7.05
N LYS A 68 1.12 14.87 6.13
CA LYS A 68 0.35 16.05 6.51
C LYS A 68 -1.08 15.72 6.92
N LEU A 69 -1.56 14.51 6.63
CA LEU A 69 -2.93 14.11 6.96
C LEU A 69 -2.88 13.00 8.01
N SER A 70 -3.22 13.32 9.26
CA SER A 70 -3.25 12.29 10.29
C SER A 70 -4.54 11.47 10.19
N HIS A 71 -4.42 10.15 10.31
CA HIS A 71 -5.60 9.30 10.22
C HIS A 71 -5.27 7.92 10.79
N LYS A 72 -6.26 7.31 11.44
CA LYS A 72 -6.04 6.04 12.12
C LYS A 72 -5.67 4.91 11.15
N HIS A 73 -5.98 5.01 9.87
CA HIS A 73 -5.64 3.97 8.91
C HIS A 73 -4.49 4.36 7.98
N LEU A 74 -3.70 5.38 8.34
CA LEU A 74 -2.54 5.79 7.56
C LEU A 74 -1.28 5.63 8.41
N VAL A 75 -0.23 5.10 7.79
CA VAL A 75 1.00 4.80 8.54
C VAL A 75 1.62 6.07 9.10
N LEU A 76 2.26 5.94 10.27
CA LEU A 76 2.90 7.06 10.92
C LEU A 76 4.39 7.09 10.57
N ASN A 77 4.85 8.24 10.10
CA ASN A 77 6.27 8.50 9.85
C ASN A 77 6.84 9.33 10.97
N TYR A 78 7.96 8.87 11.55
CA TYR A 78 8.61 9.63 12.63
C TYR A 78 9.42 10.81 12.09
N GLY A 79 10.13 10.61 10.98
CA GLY A 79 10.95 11.66 10.41
C GLY A 79 11.89 11.08 9.39
N VAL A 80 12.95 11.82 9.06
CA VAL A 80 13.95 11.32 8.11
C VAL A 80 15.35 11.46 8.71
N CYS A 81 16.26 10.61 8.21
CA CYS A 81 17.70 10.75 8.47
C CYS A 81 18.37 11.06 7.13
N VAL A 82 18.85 12.29 6.99
CA VAL A 82 19.56 12.72 5.79
C VAL A 82 21.06 12.81 6.03
N CYS A 83 21.54 12.24 7.14
CA CYS A 83 22.96 12.27 7.43
C CYS A 83 23.71 11.41 6.41
N GLY A 84 25.01 11.65 6.31
CA GLY A 84 25.88 10.76 5.56
C GLY A 84 25.52 10.67 4.09
N ASP A 85 25.67 9.46 3.54
CA ASP A 85 25.48 9.19 2.12
C ASP A 85 24.05 8.78 1.77
N GLU A 86 23.34 8.13 2.68
CA GLU A 86 22.04 7.55 2.38
C GLU A 86 20.91 8.45 2.88
N ASN A 87 19.74 8.31 2.25
CA ASN A 87 18.52 9.02 2.63
C ASN A 87 17.53 8.00 3.17
N ILE A 88 17.06 8.22 4.41
CA ILE A 88 16.35 7.21 5.17
C ILE A 88 15.05 7.79 5.70
N LEU A 89 13.96 7.07 5.49
CA LEU A 89 12.68 7.37 6.13
C LEU A 89 12.54 6.52 7.38
N VAL A 90 12.16 7.15 8.48
CA VAL A 90 12.04 6.50 9.77
C VAL A 90 10.55 6.43 10.09
N GLN A 91 10.04 5.20 10.21
CA GLN A 91 8.62 4.92 10.16
C GLN A 91 8.25 4.00 11.33
N GLU A 92 6.99 4.07 11.77
CA GLU A 92 6.55 3.18 12.83
C GLU A 92 6.77 1.73 12.42
N PHE A 93 7.11 0.90 13.39
CA PHE A 93 7.30 -0.50 13.13
C PHE A 93 5.99 -1.20 13.44
N VAL A 94 5.37 -1.80 12.42
CA VAL A 94 4.10 -2.46 12.56
C VAL A 94 4.37 -3.93 12.83
N LYS A 95 3.63 -4.50 13.78
CA LYS A 95 4.03 -5.82 14.30
C LYS A 95 4.01 -6.92 13.23
N PHE A 96 2.99 -6.96 12.38
CA PHE A 96 2.81 -8.14 11.54
C PHE A 96 3.16 -7.92 10.06
N GLY A 97 3.76 -6.78 9.72
CA GLY A 97 4.29 -6.57 8.37
C GLY A 97 3.24 -6.37 7.29
N SER A 98 3.63 -6.75 6.06
CA SER A 98 2.83 -6.54 4.86
C SER A 98 1.72 -7.58 4.74
N LEU A 99 0.57 -7.14 4.19
CA LEU A 99 -0.56 -8.05 4.10
C LEU A 99 -0.29 -9.21 3.13
N ASP A 100 0.40 -8.95 2.02
CA ASP A 100 0.51 -9.98 0.99
C ASP A 100 1.21 -11.23 1.52
N THR A 101 2.25 -11.07 2.34
CA THR A 101 2.88 -12.28 2.88
C THR A 101 2.01 -12.90 3.95
N TYR A 102 1.29 -12.07 4.71
CA TYR A 102 0.39 -12.59 5.73
C TYR A 102 -0.71 -13.43 5.10
N LEU A 103 -1.28 -12.96 3.99
CA LEU A 103 -2.32 -13.71 3.29
C LEU A 103 -1.82 -15.08 2.84
N LYS A 104 -0.56 -15.15 2.41
CA LYS A 104 -0.03 -16.41 1.91
C LYS A 104 0.29 -17.36 3.06
N LYS A 105 0.88 -16.84 4.14
CA LYS A 105 1.20 -17.64 5.31
C LYS A 105 -0.01 -17.95 6.18
N ASN A 106 -1.20 -17.50 5.80
CA ASN A 106 -2.38 -17.81 6.59
C ASN A 106 -3.60 -18.12 5.73
N LYS A 107 -3.38 -18.40 4.44
CA LYS A 107 -4.48 -18.64 3.50
C LYS A 107 -5.55 -19.55 4.07
N ASN A 108 -5.14 -20.69 4.62
CA ASN A 108 -6.07 -21.70 5.11
C ASN A 108 -6.89 -21.26 6.32
N CYS A 109 -6.75 -20.00 6.77
CA CYS A 109 -7.46 -19.58 7.98
C CYS A 109 -7.97 -18.15 7.89
N ILE A 110 -8.27 -17.67 6.68
CA ILE A 110 -8.79 -16.32 6.46
C ILE A 110 -10.15 -16.46 5.76
N ASN A 111 -11.20 -15.89 6.36
CA ASN A 111 -12.55 -16.06 5.84
C ASN A 111 -13.16 -14.73 5.39
N ILE A 112 -14.32 -14.82 4.73
CA ILE A 112 -14.90 -13.64 4.08
C ILE A 112 -15.16 -12.53 5.08
N LEU A 113 -15.50 -12.87 6.33
CA LEU A 113 -15.68 -11.81 7.33
C LEU A 113 -14.39 -11.03 7.56
N TRP A 114 -13.25 -11.73 7.65
CA TRP A 114 -11.95 -11.07 7.80
C TRP A 114 -11.65 -10.21 6.57
N LYS A 115 -11.84 -10.78 5.38
CA LYS A 115 -11.60 -10.03 4.15
C LYS A 115 -12.48 -8.78 4.09
N LEU A 116 -13.76 -8.89 4.44
CA LEU A 116 -14.65 -7.74 4.33
C LEU A 116 -14.27 -6.66 5.32
N GLU A 117 -13.82 -7.04 6.51
CA GLU A 117 -13.37 -6.04 7.48
C GLU A 117 -12.13 -5.32 6.97
N VAL A 118 -11.20 -6.05 6.36
CA VAL A 118 -9.99 -5.42 5.83
C VAL A 118 -10.33 -4.55 4.63
N ALA A 119 -11.25 -5.02 3.77
CA ALA A 119 -11.69 -4.23 2.63
C ALA A 119 -12.37 -2.93 3.08
N LYS A 120 -13.23 -3.02 4.10
CA LYS A 120 -13.92 -1.82 4.61
C LYS A 120 -12.93 -0.79 5.16
N GLN A 121 -11.94 -1.26 5.94
CA GLN A 121 -10.94 -0.34 6.48
C GLN A 121 -10.15 0.31 5.35
N LEU A 122 -9.65 -0.49 4.41
CA LEU A 122 -8.90 0.08 3.29
C LEU A 122 -9.74 1.12 2.56
N ALA A 123 -11.02 0.82 2.31
CA ALA A 123 -11.88 1.81 1.68
C ALA A 123 -12.07 3.04 2.56
N ALA A 124 -12.07 2.86 3.88
CA ALA A 124 -12.23 4.03 4.74
C ALA A 124 -11.03 4.94 4.59
N ALA A 125 -9.83 4.36 4.49
CA ALA A 125 -8.63 5.14 4.24
C ALA A 125 -8.68 5.82 2.87
N MET A 126 -9.10 5.11 1.84
CA MET A 126 -9.15 5.70 0.51
C MET A 126 -10.24 6.78 0.42
N HIS A 127 -11.37 6.57 1.10
CA HIS A 127 -12.39 7.63 1.16
C HIS A 127 -11.81 8.90 1.78
N PHE A 128 -11.07 8.76 2.87
CA PHE A 128 -10.43 9.91 3.50
C PHE A 128 -9.49 10.61 2.52
N LEU A 129 -8.68 9.84 1.79
CA LEU A 129 -7.80 10.44 0.79
C LEU A 129 -8.61 11.10 -0.31
N GLU A 130 -9.66 10.42 -0.79
CA GLU A 130 -10.52 11.00 -1.82
C GLU A 130 -11.11 12.34 -1.37
N GLU A 131 -11.55 12.43 -0.11
CA GLU A 131 -12.13 13.70 0.36
C GLU A 131 -11.07 14.80 0.47
N ASN A 132 -9.82 14.43 0.69
CA ASN A 132 -8.70 15.38 0.74
C ASN A 132 -8.00 15.51 -0.61
N THR A 133 -8.58 14.96 -1.67
CA THR A 133 -8.03 15.01 -3.03
C THR A 133 -6.53 14.67 -3.07
N LEU A 134 -6.13 13.62 -2.34
CA LEU A 134 -4.74 13.19 -2.37
C LEU A 134 -4.63 11.79 -2.98
N ILE A 135 -3.81 11.68 -4.03
CA ILE A 135 -3.60 10.44 -4.77
C ILE A 135 -2.50 9.62 -4.12
N HIS A 136 -2.76 8.34 -3.87
CA HIS A 136 -1.74 7.46 -3.31
C HIS A 136 -0.77 6.99 -4.40
N GLY A 137 -1.28 6.23 -5.39
CA GLY A 137 -0.51 5.85 -6.56
C GLY A 137 0.13 4.48 -6.51
N ASN A 138 0.05 3.77 -5.38
CA ASN A 138 0.64 2.44 -5.29
C ASN A 138 -0.12 1.62 -4.25
N VAL A 139 -1.45 1.55 -4.43
CA VAL A 139 -2.29 0.72 -3.58
C VAL A 139 -2.14 -0.73 -4.00
N CYS A 140 -1.72 -1.59 -3.07
CA CYS A 140 -1.44 -2.99 -3.32
C CYS A 140 -1.33 -3.66 -1.96
N ALA A 141 -1.39 -4.99 -1.96
CA ALA A 141 -1.41 -5.72 -0.69
C ALA A 141 -0.07 -5.60 0.07
N LYS A 142 1.05 -5.47 -0.66
CA LYS A 142 2.33 -5.28 0.01
C LYS A 142 2.36 -3.97 0.80
N ASN A 143 1.56 -2.99 0.39
CA ASN A 143 1.52 -1.69 1.06
C ASN A 143 0.38 -1.58 2.08
N ILE A 144 -0.23 -2.70 2.45
CA ILE A 144 -1.16 -2.74 3.57
C ILE A 144 -0.42 -3.35 4.76
N LEU A 145 -0.34 -2.59 5.85
CA LEU A 145 0.35 -3.05 7.05
C LEU A 145 -0.65 -3.54 8.09
N LEU A 146 -0.42 -4.74 8.60
CA LEU A 146 -1.33 -5.35 9.56
C LEU A 146 -0.88 -5.00 10.98
N ILE A 147 -1.64 -4.15 11.65
CA ILE A 147 -1.32 -3.66 12.98
C ILE A 147 -1.64 -4.69 14.05
N ARG A 148 -2.81 -5.33 13.98
CA ARG A 148 -3.16 -6.37 14.92
C ARG A 148 -4.02 -7.41 14.22
N GLU A 149 -3.85 -8.67 14.64
CA GLU A 149 -4.63 -9.76 14.06
C GLU A 149 -6.02 -9.79 14.69
N GLU A 150 -6.92 -10.46 13.99
CA GLU A 150 -8.23 -10.75 14.54
C GLU A 150 -8.10 -11.66 15.75
N ASP A 151 -8.94 -11.42 16.76
CA ASP A 151 -9.05 -12.28 17.93
C ASP A 151 -10.52 -12.65 18.06
N ARG A 152 -10.89 -13.82 17.53
CA ARG A 152 -12.27 -14.29 17.65
C ARG A 152 -12.66 -14.65 19.08
N LYS A 153 -11.69 -14.69 19.99
CA LYS A 153 -12.00 -14.69 21.41
C LYS A 153 -12.68 -13.36 21.74
N THR A 154 -11.89 -12.28 21.82
CA THR A 154 -12.39 -10.95 22.14
C THR A 154 -13.31 -10.37 21.07
N GLY A 155 -13.58 -11.08 19.97
CA GLY A 155 -14.40 -10.54 18.90
C GLY A 155 -13.76 -9.37 18.19
N ASN A 156 -12.51 -9.08 18.55
CA ASN A 156 -11.79 -7.93 18.01
C ASN A 156 -11.45 -8.17 16.54
N PRO A 157 -11.69 -7.20 15.67
CA PRO A 157 -11.39 -7.39 14.26
C PRO A 157 -9.92 -7.12 13.98
N PRO A 158 -9.42 -7.52 12.80
CA PRO A 158 -8.06 -7.09 12.42
C PRO A 158 -8.04 -5.59 12.19
N PHE A 159 -6.83 -5.02 12.17
CA PHE A 159 -6.65 -3.60 11.96
C PHE A 159 -5.47 -3.35 11.05
N ILE A 160 -5.67 -2.55 10.00
CA ILE A 160 -4.67 -2.32 8.98
C ILE A 160 -4.42 -0.82 8.84
N LYS A 161 -3.26 -0.51 8.23
CA LYS A 161 -2.90 0.84 7.82
C LYS A 161 -2.34 0.79 6.40
N LEU A 162 -2.47 1.90 5.70
CA LEU A 162 -1.89 2.04 4.37
C LEU A 162 -0.52 2.70 4.49
N SER A 163 0.46 2.13 3.81
CA SER A 163 1.85 2.56 3.86
C SER A 163 2.08 3.71 2.87
N ASP A 164 3.29 4.28 2.90
CA ASP A 164 3.55 5.48 2.13
C ASP A 164 3.60 5.17 0.63
N PRO A 165 3.36 6.17 -0.23
CA PRO A 165 3.19 5.88 -1.65
C PRO A 165 4.44 5.36 -2.35
N GLY A 166 5.64 5.71 -1.88
CA GLY A 166 6.85 5.37 -2.60
C GLY A 166 7.10 6.33 -3.77
N ILE A 167 8.10 5.96 -4.59
CA ILE A 167 8.45 6.78 -5.75
C ILE A 167 7.26 6.81 -6.72
N SER A 168 6.93 8.01 -7.19
CA SER A 168 5.78 8.20 -8.05
C SER A 168 5.96 7.48 -9.39
N ILE A 169 4.87 6.91 -9.90
CA ILE A 169 4.89 6.31 -11.23
C ILE A 169 5.17 7.34 -12.32
N THR A 170 5.06 8.63 -12.00
CA THR A 170 5.36 9.67 -12.97
C THR A 170 6.86 9.84 -13.21
N VAL A 171 7.71 9.22 -12.42
CA VAL A 171 9.15 9.29 -12.64
C VAL A 171 9.81 7.92 -12.77
N LEU A 172 9.06 6.83 -12.60
CA LEU A 172 9.72 5.53 -12.66
C LEU A 172 9.96 5.12 -14.12
N PRO A 173 11.03 4.36 -14.37
CA PRO A 173 11.28 3.88 -15.74
C PRO A 173 10.13 3.02 -16.23
N LYS A 174 9.92 3.05 -17.55
CA LYS A 174 8.74 2.42 -18.14
C LYS A 174 8.69 0.92 -17.83
N ASP A 175 9.84 0.24 -17.76
CA ASP A 175 9.80 -1.20 -17.58
C ASP A 175 9.41 -1.60 -16.16
N ILE A 176 9.62 -0.73 -15.17
CA ILE A 176 9.07 -0.99 -13.85
C ILE A 176 7.56 -0.81 -13.85
N LEU A 177 7.08 0.23 -14.53
CA LEU A 177 5.64 0.44 -14.67
C LEU A 177 4.96 -0.75 -15.32
N GLN A 178 5.58 -1.33 -16.35
CA GLN A 178 5.01 -2.50 -17.00
C GLN A 178 4.94 -3.69 -16.04
N GLU A 179 5.99 -3.87 -15.23
CA GLU A 179 5.97 -4.96 -14.28
C GLU A 179 4.91 -4.79 -13.20
N ARG A 180 4.47 -3.55 -12.96
CA ARG A 180 3.43 -3.29 -11.97
C ARG A 180 2.01 -3.45 -12.52
N ILE A 181 1.86 -3.84 -13.79
CA ILE A 181 0.53 -4.24 -14.28
C ILE A 181 0.12 -5.51 -13.55
N PRO A 182 -1.15 -5.64 -13.07
CA PRO A 182 -2.31 -4.79 -13.26
C PRO A 182 -2.68 -3.86 -12.09
N TRP A 183 -1.69 -3.46 -11.28
CA TRP A 183 -1.95 -2.46 -10.25
C TRP A 183 -1.96 -1.07 -10.85
N VAL A 184 -1.04 -0.81 -11.77
CA VAL A 184 -1.04 0.45 -12.51
C VAL A 184 -2.16 0.39 -13.57
N PRO A 185 -3.02 1.41 -13.65
CA PRO A 185 -4.21 1.33 -14.53
C PRO A 185 -3.85 1.52 -15.99
N PRO A 186 -4.69 1.03 -16.91
CA PRO A 186 -4.42 1.21 -18.35
C PRO A 186 -4.08 2.63 -18.76
N GLU A 187 -4.77 3.64 -18.23
CA GLU A 187 -4.48 5.00 -18.66
C GLU A 187 -3.09 5.46 -18.21
N CYS A 188 -2.57 4.91 -17.12
CA CYS A 188 -1.24 5.31 -16.70
C CYS A 188 -0.14 4.61 -17.51
N ILE A 189 -0.43 3.43 -18.06
CA ILE A 189 0.53 2.78 -18.95
C ILE A 189 0.66 3.56 -20.25
N GLU A 190 -0.47 4.00 -20.82
CA GLU A 190 -0.39 4.83 -22.02
C GLU A 190 0.21 6.21 -21.71
N ASN A 191 0.03 6.72 -20.48
CA ASN A 191 0.70 7.94 -20.05
C ASN A 191 0.72 8.05 -18.53
N PRO A 192 1.88 7.93 -17.89
CA PRO A 192 1.91 8.01 -16.42
C PRO A 192 1.44 9.35 -15.88
N LYS A 193 1.51 10.42 -16.67
CA LYS A 193 0.96 11.71 -16.26
C LYS A 193 -0.56 11.73 -16.25
N ASN A 194 -1.21 10.61 -16.54
CA ASN A 194 -2.65 10.46 -16.35
C ASN A 194 -3.02 10.11 -14.92
N LEU A 195 -2.02 10.03 -14.03
CA LEU A 195 -2.24 9.71 -12.64
C LEU A 195 -3.30 10.62 -12.04
N ASN A 196 -4.29 10.02 -11.37
CA ASN A 196 -5.49 10.72 -10.96
C ASN A 196 -6.10 10.01 -9.77
N LEU A 197 -7.10 10.65 -9.15
CA LEU A 197 -7.85 9.97 -8.09
C LEU A 197 -8.43 8.67 -8.60
N ALA A 198 -8.95 8.66 -9.84
CA ALA A 198 -9.45 7.44 -10.43
C ALA A 198 -8.39 6.34 -10.51
N THR A 199 -7.09 6.69 -10.54
CA THR A 199 -6.05 5.66 -10.53
C THR A 199 -6.22 4.74 -9.33
N ASP A 200 -6.44 5.32 -8.15
CA ASP A 200 -6.48 4.55 -6.92
C ASP A 200 -7.71 3.65 -6.85
N LYS A 201 -8.79 4.03 -7.54
CA LYS A 201 -9.94 3.14 -7.59
C LYS A 201 -9.60 1.86 -8.35
N TRP A 202 -8.84 1.96 -9.43
CA TRP A 202 -8.45 0.75 -10.16
C TRP A 202 -7.55 -0.14 -9.30
N SER A 203 -6.47 0.42 -8.73
CA SER A 203 -5.57 -0.38 -7.91
C SER A 203 -6.27 -0.95 -6.68
N PHE A 204 -7.25 -0.22 -6.13
CA PHE A 204 -8.04 -0.77 -5.03
C PHE A 204 -8.75 -2.05 -5.45
N GLY A 205 -9.28 -2.09 -6.67
CA GLY A 205 -9.85 -3.33 -7.16
C GLY A 205 -8.82 -4.44 -7.25
N THR A 206 -7.64 -4.13 -7.79
CA THR A 206 -6.56 -5.13 -7.86
C THR A 206 -6.19 -5.65 -6.48
N THR A 207 -6.20 -4.76 -5.47
CA THR A 207 -5.82 -5.15 -4.11
C THR A 207 -6.88 -6.05 -3.47
N LEU A 208 -8.17 -5.79 -3.76
CA LEU A 208 -9.22 -6.70 -3.33
C LEU A 208 -9.02 -8.08 -3.96
N TRP A 209 -8.59 -8.11 -5.22
CA TRP A 209 -8.28 -9.40 -5.84
C TRP A 209 -7.18 -10.11 -5.04
N GLU A 210 -6.08 -9.41 -4.78
CA GLU A 210 -5.04 -10.00 -3.92
C GLU A 210 -5.63 -10.50 -2.61
N ILE A 211 -6.46 -9.68 -1.96
CA ILE A 211 -7.01 -10.02 -0.65
C ILE A 211 -7.83 -11.29 -0.72
N CYS A 212 -8.45 -11.55 -1.86
CA CYS A 212 -9.27 -12.73 -2.06
C CYS A 212 -8.50 -13.92 -2.61
N SER A 213 -7.20 -13.79 -2.89
CA SER A 213 -6.46 -14.84 -3.59
C SER A 213 -5.26 -15.37 -2.80
N GLY A 214 -5.31 -15.28 -1.47
CA GLY A 214 -4.32 -15.94 -0.65
C GLY A 214 -2.89 -15.55 -0.93
N GLY A 215 -2.66 -14.34 -1.44
CA GLY A 215 -1.31 -13.88 -1.68
C GLY A 215 -0.80 -14.11 -3.09
N ASP A 216 -1.58 -14.74 -3.96
CA ASP A 216 -1.22 -14.77 -5.37
C ASP A 216 -1.13 -13.36 -5.91
N LYS A 217 -0.20 -13.17 -6.86
CA LYS A 217 -0.05 -11.93 -7.61
C LYS A 217 -0.74 -12.10 -8.96
N PRO A 218 -1.76 -11.32 -9.27
CA PRO A 218 -2.48 -11.50 -10.54
C PRO A 218 -1.56 -11.23 -11.71
N LEU A 219 -1.67 -12.09 -12.73
CA LEU A 219 -0.93 -11.99 -13.98
C LEU A 219 0.57 -12.26 -13.82
N SER A 220 0.99 -12.90 -12.72
CA SER A 220 2.42 -13.16 -12.49
C SER A 220 3.00 -14.12 -13.53
N ALA A 221 2.18 -15.01 -14.09
CA ALA A 221 2.66 -15.88 -15.17
C ALA A 221 2.93 -15.14 -16.45
N LEU A 222 2.47 -13.89 -16.60
CA LEU A 222 2.63 -13.12 -17.83
C LEU A 222 3.87 -12.24 -17.72
N ASP A 223 4.74 -12.34 -18.73
CA ASP A 223 5.89 -11.45 -18.81
C ASP A 223 5.43 -10.06 -19.22
N SER A 224 6.36 -9.11 -19.23
CA SER A 224 6.00 -7.71 -19.45
C SER A 224 5.28 -7.50 -20.76
N GLN A 225 5.75 -8.14 -21.85
CA GLN A 225 5.08 -7.96 -23.14
C GLN A 225 3.63 -8.44 -23.08
N ARG A 226 3.40 -9.56 -22.42
CA ARG A 226 2.04 -10.10 -22.33
C ARG A 226 1.16 -9.27 -21.40
N LYS A 227 1.73 -8.67 -20.36
CA LYS A 227 0.92 -7.79 -19.50
C LYS A 227 0.43 -6.57 -20.28
N LEU A 228 1.29 -5.99 -21.11
CA LEU A 228 0.86 -4.91 -22.00
C LEU A 228 -0.29 -5.34 -22.89
N GLN A 229 -0.16 -6.51 -23.52
CA GLN A 229 -1.20 -6.97 -24.44
C GLN A 229 -2.49 -7.30 -23.70
N PHE A 230 -2.38 -7.63 -22.41
CA PHE A 230 -3.57 -7.89 -21.61
C PHE A 230 -4.44 -6.64 -21.50
N TYR A 231 -3.81 -5.49 -21.26
CA TYR A 231 -4.57 -4.23 -21.27
C TYR A 231 -5.02 -3.88 -22.68
N GLU A 232 -4.19 -4.12 -23.69
CA GLU A 232 -4.55 -3.78 -25.05
C GLU A 232 -5.84 -4.48 -25.47
N ASP A 233 -6.05 -5.71 -25.01
CA ASP A 233 -7.25 -6.47 -25.34
C ASP A 233 -8.39 -6.27 -24.33
N ARG A 234 -8.22 -5.37 -23.35
CA ARG A 234 -9.29 -4.99 -22.41
C ARG A 234 -9.79 -6.18 -21.58
N HIS A 235 -8.87 -7.06 -21.20
CA HIS A 235 -9.24 -8.17 -20.35
C HIS A 235 -9.44 -7.68 -18.91
N GLN A 236 -10.24 -8.44 -18.15
CA GLN A 236 -10.39 -8.28 -16.72
C GLN A 236 -9.71 -9.44 -16.00
N LEU A 237 -9.49 -9.29 -14.70
CA LEU A 237 -8.90 -10.37 -13.93
C LEU A 237 -9.94 -11.48 -13.71
N PRO A 238 -9.48 -12.73 -13.57
CA PRO A 238 -10.42 -13.81 -13.24
C PRO A 238 -11.03 -13.62 -11.86
N ALA A 239 -12.29 -13.99 -11.73
CA ALA A 239 -12.90 -14.03 -10.41
C ALA A 239 -12.12 -14.99 -9.51
N PRO A 240 -11.69 -14.57 -8.33
CA PRO A 240 -11.06 -15.52 -7.41
C PRO A 240 -12.02 -16.63 -7.03
N LYS A 241 -11.46 -17.73 -6.55
CA LYS A 241 -12.28 -18.88 -6.18
C LYS A 241 -13.33 -18.48 -5.15
N ALA A 242 -12.90 -17.76 -4.11
CA ALA A 242 -13.81 -17.03 -3.22
C ALA A 242 -14.24 -15.76 -3.95
N ALA A 243 -15.42 -15.80 -4.59
CA ALA A 243 -15.83 -14.78 -5.54
C ALA A 243 -16.75 -13.71 -4.94
N GLU A 244 -16.89 -13.65 -3.62
CA GLU A 244 -17.87 -12.76 -3.01
C GLU A 244 -17.62 -11.29 -3.36
N LEU A 245 -16.37 -10.91 -3.62
CA LEU A 245 -16.03 -9.54 -3.98
C LEU A 245 -15.83 -9.33 -5.48
N ALA A 246 -16.10 -10.34 -6.30
CA ALA A 246 -15.66 -10.28 -7.70
C ALA A 246 -16.34 -9.12 -8.44
N ASN A 247 -17.63 -8.91 -8.21
CA ASN A 247 -18.33 -7.83 -8.91
C ASN A 247 -17.74 -6.48 -8.54
N LEU A 248 -17.46 -6.26 -7.25
CA LEU A 248 -16.82 -5.01 -6.82
C LEU A 248 -15.47 -4.84 -7.49
N ILE A 249 -14.68 -5.92 -7.55
CA ILE A 249 -13.37 -5.87 -8.21
C ILE A 249 -13.52 -5.39 -9.65
N ASN A 250 -14.41 -6.01 -10.40
CA ASN A 250 -14.57 -5.61 -11.79
C ASN A 250 -15.18 -4.21 -11.91
N ASN A 251 -16.14 -3.85 -11.04
CA ASN A 251 -16.67 -2.49 -11.05
C ASN A 251 -15.57 -1.46 -10.81
N CYS A 252 -14.60 -1.79 -9.95
CA CYS A 252 -13.52 -0.85 -9.68
C CYS A 252 -12.51 -0.82 -10.81
N MET A 253 -12.12 -2.00 -11.34
CA MET A 253 -11.20 -2.08 -12.46
C MET A 253 -11.96 -1.85 -13.78
N ASP A 254 -12.58 -0.68 -13.88
CA ASP A 254 -13.28 -0.26 -15.08
C ASP A 254 -12.31 0.45 -16.00
N TYR A 255 -12.27 0.04 -17.28
CA TYR A 255 -11.33 0.67 -18.19
C TYR A 255 -11.66 2.13 -18.48
N GLU A 256 -12.86 2.59 -18.14
CA GLU A 256 -13.19 4.01 -18.20
C GLU A 256 -12.99 4.65 -16.82
N PRO A 257 -11.95 5.44 -16.60
CA PRO A 257 -11.74 6.01 -15.26
C PRO A 257 -12.92 6.83 -14.73
N ASP A 258 -13.68 7.50 -15.58
CA ASP A 258 -14.80 8.29 -15.06
C ASP A 258 -15.96 7.43 -14.58
N HIS A 259 -15.99 6.15 -14.94
CA HIS A 259 -17.08 5.30 -14.51
C HIS A 259 -16.77 4.56 -13.22
N ARG A 260 -15.52 4.60 -12.73
CA ARG A 260 -15.19 3.90 -11.50
C ARG A 260 -15.94 4.57 -10.34
N PRO A 261 -16.53 3.78 -9.45
CA PRO A 261 -17.39 4.39 -8.41
C PRO A 261 -16.58 5.08 -7.32
N SER A 262 -17.21 6.09 -6.70
CA SER A 262 -16.58 6.79 -5.60
C SER A 262 -16.42 5.84 -4.42
N PHE A 263 -15.54 6.22 -3.48
CA PHE A 263 -15.34 5.33 -2.35
C PHE A 263 -16.55 5.34 -1.41
N ARG A 264 -17.36 6.39 -1.42
CA ARG A 264 -18.63 6.33 -0.69
C ARG A 264 -19.51 5.20 -1.21
N ALA A 265 -19.73 5.18 -2.53
CA ALA A 265 -20.48 4.08 -3.13
C ALA A 265 -19.81 2.74 -2.87
N ILE A 266 -18.48 2.69 -2.94
CA ILE A 266 -17.78 1.44 -2.65
C ILE A 266 -18.10 0.99 -1.22
N ILE A 267 -18.06 1.92 -0.27
CA ILE A 267 -18.34 1.57 1.13
C ILE A 267 -19.78 1.10 1.27
N ARG A 268 -20.73 1.82 0.67
CA ARG A 268 -22.11 1.36 0.70
C ARG A 268 -22.23 -0.06 0.13
N ASP A 269 -21.61 -0.31 -1.03
CA ASP A 269 -21.60 -1.65 -1.58
C ASP A 269 -21.00 -2.67 -0.61
N LEU A 270 -19.90 -2.30 0.07
CA LEU A 270 -19.29 -3.25 1.01
C LEU A 270 -20.25 -3.55 2.16
N ASN A 271 -20.93 -2.52 2.66
CA ASN A 271 -21.86 -2.70 3.77
C ASN A 271 -23.05 -3.58 3.38
N SER A 272 -23.45 -3.56 2.11
CA SER A 272 -24.62 -4.35 1.73
C SER A 272 -24.38 -5.85 1.80
N LEU A 273 -23.13 -6.29 1.96
CA LEU A 273 -22.84 -7.70 2.22
C LEU A 273 -22.67 -7.94 3.74
C1 GOL B . 2.90 -4.93 -5.92
O1 GOL B . 3.46 -6.22 -5.69
C2 GOL B . 3.21 -4.44 -7.33
O2 GOL B . 4.55 -3.99 -7.42
C3 GOL B . 2.35 -3.21 -7.60
O3 GOL B . 3.05 -2.10 -7.11
O3 M57 C . 8.56 0.51 -3.23
C4 M57 C . 8.16 -7.43 8.18
C5 M57 C . 7.88 -8.40 9.14
O4 M57 C . 7.54 -1.07 -4.45
C6 M57 C . 7.31 -8.04 10.35
N1 M57 C . 6.57 -2.07 9.73
C7 M57 C . 7.03 -6.71 10.62
C8 M57 C . 6.74 -1.61 6.23
N2 M57 C . 7.03 -4.38 9.97
C9 M57 C . 7.05 -2.33 3.96
O5 M57 C . 5.68 -2.01 -0.81
C10 M57 C . 8.22 -2.17 3.23
C11 M57 C . 8.16 -1.93 1.87
C12 M57 C . 6.90 -1.84 1.26
N3 M57 C . 9.63 -10.08 8.01
C13 M57 C . 6.80 -1.58 -0.18
C14 M57 C . 7.07 -1.01 -2.18
C15 M57 C . 7.79 -0.43 -3.33
N4 M57 C . 6.99 -3.33 7.86
N M57 C . 6.23 0.03 8.63
C M57 C . 6.50 -1.27 8.67
O M57 C . 7.22 -10.51 7.86
C1 M57 C . 6.88 -3.29 9.18
C16 M57 C . 5.88 -1.63 -2.12
C17 M57 C . 5.74 -2.00 2.00
C18 M57 C . 5.82 -2.25 3.35
C2 M57 C . 7.32 -5.73 9.67
C3 M57 C . 7.89 -6.10 8.45
N5 M57 C . 6.74 -2.01 7.56
N6 M57 C . 7.03 -2.58 5.34
N7 M57 C . 7.65 -1.00 -0.92
O1 M57 C . 8.41 -10.84 9.97
O2 M57 C . 6.51 -0.44 5.98
S M57 C . 8.23 -10.08 8.78
#